data_6HK5
#
_entry.id   6HK5
#
_cell.length_a   46.800
_cell.length_b   74.280
_cell.length_c   70.640
_cell.angle_alpha   90.00
_cell.angle_beta   92.74
_cell.angle_gamma   90.00
#
_symmetry.space_group_name_H-M   'P 1 21 1'
#
loop_
_entity.id
_entity.type
_entity.pdbx_description
1 polymer CooJ
2 non-polymer 'NICKEL (II) ION'
3 non-polymer DI(HYDROXYETHYL)ETHER
4 non-polymer 'CHLORIDE ION'
5 non-polymer 'CALCIUM ION'
6 non-polymer 'TRIETHYLENE GLYCOL'
7 non-polymer "3,3',3''-phosphoryltripropanoic acid"
8 water water
#
_entity_poly.entity_id   1
_entity_poly.type   'polypeptide(L)'
_entity_poly.pdbx_seq_one_letter_code
;(MSE)TESPERGRKRLGIYLAHFLDHVEGH(MSE)GEIGVQRDALAEDARLGALIDRALAD(MSE)AVARASLNAVLRDL
;
_entity_poly.pdbx_strand_id   B,C,E,G,A,D,F,H
#
loop_
_chem_comp.id
_chem_comp.type
_chem_comp.name
_chem_comp.formula
CA non-polymer 'CALCIUM ION' 'Ca 2'
CL non-polymer 'CHLORIDE ION' 'Cl -1'
NI non-polymer 'NICKEL (II) ION' 'Ni 2'
PEG non-polymer DI(HYDROXYETHYL)ETHER 'C4 H10 O3'
PGE non-polymer 'TRIETHYLENE GLYCOL' 'C6 H14 O4'
Z3P non-polymer '3,3',3''-phosphoryltripropanoic acid' 'C9 H15 O7 P'
#
# COMPACT_ATOMS: atom_id res chain seq x y z
N GLU A 3 -8.99 -25.78 -5.86
CA GLU A 3 -8.42 -26.36 -7.06
C GLU A 3 -7.18 -27.20 -6.78
N SER A 4 -7.01 -28.24 -7.59
CA SER A 4 -5.80 -29.06 -7.59
C SER A 4 -4.58 -28.17 -7.77
N PRO A 5 -3.42 -28.57 -7.26
CA PRO A 5 -2.19 -27.82 -7.54
C PRO A 5 -1.92 -27.62 -9.03
N GLU A 6 -2.26 -28.59 -9.88
CA GLU A 6 -1.99 -28.44 -11.30
C GLU A 6 -2.64 -27.17 -11.85
N ARG A 7 -3.96 -27.02 -11.63
CA ARG A 7 -4.67 -25.84 -12.14
C ARG A 7 -4.20 -24.56 -11.47
N GLY A 8 -3.92 -24.61 -10.16
CA GLY A 8 -3.37 -23.44 -9.49
C GLY A 8 -2.10 -22.91 -10.14
N ARG A 9 -1.12 -23.79 -10.34
CA ARG A 9 0.14 -23.33 -10.93
C ARG A 9 -0.06 -22.87 -12.36
N LYS A 10 -1.00 -23.49 -13.07
CA LYS A 10 -1.35 -23.08 -14.43
C LYS A 10 -1.87 -21.65 -14.46
N ARG A 11 -2.89 -21.35 -13.65
CA ARG A 11 -3.47 -20.02 -13.63
C ARG A 11 -2.46 -18.98 -13.13
N LEU A 12 -1.64 -19.33 -12.14
CA LEU A 12 -0.63 -18.39 -11.67
C LEU A 12 0.45 -18.19 -12.70
N GLY A 13 0.90 -19.28 -13.34
CA GLY A 13 1.80 -19.14 -14.46
C GLY A 13 1.31 -18.14 -15.49
N ILE A 14 -0.01 -18.11 -15.73
CA ILE A 14 -0.55 -17.19 -16.72
C ILE A 14 -0.47 -15.75 -16.21
N TYR A 15 -0.92 -15.53 -14.98
CA TYR A 15 -0.89 -14.21 -14.38
C TYR A 15 0.53 -13.65 -14.33
N LEU A 16 1.50 -14.51 -14.01
CA LEU A 16 2.88 -14.07 -13.86
C LEU A 16 3.47 -13.60 -15.20
N ALA A 17 3.14 -14.29 -16.30
CA ALA A 17 3.70 -13.89 -17.58
C ALA A 17 3.10 -12.56 -18.06
N HIS A 18 1.77 -12.42 -17.96
CA HIS A 18 1.12 -11.17 -18.28
C HIS A 18 1.68 -10.04 -17.44
N PHE A 19 1.89 -10.29 -16.14
CA PHE A 19 2.33 -9.26 -15.22
C PHE A 19 3.76 -8.83 -15.53
N LEU A 20 4.63 -9.79 -15.82
CA LEU A 20 6.01 -9.45 -16.18
C LEU A 20 6.04 -8.65 -17.48
N ASP A 21 5.28 -9.09 -18.48
CA ASP A 21 5.13 -8.29 -19.70
C ASP A 21 4.60 -6.90 -19.36
N HIS A 22 3.60 -6.81 -18.48
CA HIS A 22 2.99 -5.50 -18.22
C HIS A 22 3.98 -4.55 -17.57
N VAL A 23 4.64 -4.97 -16.48
CA VAL A 23 5.52 -4.03 -15.78
C VAL A 23 6.76 -3.68 -16.58
N GLU A 24 7.19 -4.54 -17.49
CA GLU A 24 8.32 -4.19 -18.35
C GLU A 24 7.95 -3.03 -19.26
N GLY A 25 6.68 -2.93 -19.65
CA GLY A 25 6.25 -1.74 -20.36
C GLY A 25 6.39 -0.49 -19.52
N HIS A 26 5.97 -0.54 -18.24
CA HIS A 26 6.07 0.63 -17.35
C HIS A 26 7.52 0.96 -17.02
N MSE A 27 8.38 -0.02 -16.90
CA MSE A 27 9.79 0.25 -16.64
C MSE A 27 10.43 1.02 -17.76
O MSE A 27 11.18 1.95 -17.52
CB MSE A 27 10.55 -1.02 -16.40
CG MSE A 27 10.27 -1.57 -15.03
SE MSE A 27 10.98 -3.35 -14.93
CE MSE A 27 12.88 -2.95 -15.29
N GLY A 28 10.13 0.61 -18.99
CA GLY A 28 10.65 1.31 -20.15
C GLY A 28 10.10 2.72 -20.28
N GLU A 29 8.80 2.88 -20.00
CA GLU A 29 8.16 4.20 -20.01
C GLU A 29 8.81 5.10 -18.97
N ILE A 30 8.86 4.63 -17.73
CA ILE A 30 9.39 5.46 -16.67
C ILE A 30 10.86 5.75 -16.91
N GLY A 31 11.59 4.79 -17.49
CA GLY A 31 12.98 5.06 -17.80
C GLY A 31 13.15 6.21 -18.77
N VAL A 32 12.32 6.26 -19.80
CA VAL A 32 12.49 7.32 -20.79
C VAL A 32 12.07 8.66 -20.21
N GLN A 33 10.96 8.72 -19.47
CA GLN A 33 10.61 9.95 -18.76
C GLN A 33 11.71 10.36 -17.80
N ARG A 34 12.32 9.40 -17.11
CA ARG A 34 13.37 9.75 -16.15
C ARG A 34 14.58 10.36 -16.86
N ASP A 35 14.82 9.96 -18.11
CA ASP A 35 15.95 10.51 -18.86
C ASP A 35 15.71 11.97 -19.23
N ALA A 36 14.47 12.43 -19.21
CA ALA A 36 14.21 13.85 -19.49
C ALA A 36 14.43 14.73 -18.28
N LEU A 37 14.78 14.15 -17.13
CA LEU A 37 15.03 14.93 -15.94
C LEU A 37 16.34 15.69 -16.06
N ALA A 38 16.45 16.75 -15.27
CA ALA A 38 17.69 17.52 -15.18
C ALA A 38 18.89 16.60 -14.95
N GLU A 39 20.06 17.05 -15.37
CA GLU A 39 21.27 16.25 -15.19
C GLU A 39 21.55 16.07 -13.70
N ASP A 40 21.83 14.84 -13.29
CA ASP A 40 22.18 14.49 -11.91
C ASP A 40 21.16 15.01 -10.91
N ALA A 41 19.92 15.23 -11.36
CA ALA A 41 18.84 15.54 -10.42
C ALA A 41 18.70 14.39 -9.44
N ARG A 42 18.61 14.71 -8.14
CA ARG A 42 18.56 13.67 -7.13
C ARG A 42 17.34 12.78 -7.30
N LEU A 43 16.25 13.31 -7.87
CA LEU A 43 15.09 12.49 -8.22
C LEU A 43 15.47 11.36 -9.17
N GLY A 44 16.33 11.67 -10.16
CA GLY A 44 16.78 10.65 -11.09
C GLY A 44 17.44 9.47 -10.39
N ALA A 45 18.29 9.73 -9.41
CA ALA A 45 19.00 8.63 -8.73
C ALA A 45 18.04 7.76 -7.94
N LEU A 46 17.08 8.37 -7.26
CA LEU A 46 16.06 7.59 -6.58
C LEU A 46 15.31 6.71 -7.57
N ILE A 47 15.01 7.25 -8.75
CA ILE A 47 14.24 6.51 -9.74
C ILE A 47 15.07 5.36 -10.33
N ASP A 48 16.35 5.60 -10.62
CA ASP A 48 17.17 4.49 -11.14
C ASP A 48 17.26 3.35 -10.11
N ARG A 49 17.38 3.69 -8.83
CA ARG A 49 17.43 2.63 -7.82
C ARG A 49 16.14 1.82 -7.83
N ALA A 50 14.99 2.50 -7.90
CA ALA A 50 13.72 1.80 -7.97
C ALA A 50 13.66 0.90 -9.19
N LEU A 51 14.11 1.40 -10.34
CA LEU A 51 14.05 0.62 -11.57
C LEU A 51 15.00 -0.57 -11.50
N ALA A 52 16.17 -0.36 -10.91
CA ALA A 52 17.11 -1.45 -10.72
C ALA A 52 16.50 -2.53 -9.84
N ASP A 53 15.90 -2.14 -8.72
CA ASP A 53 15.27 -3.09 -7.82
C ASP A 53 14.16 -3.86 -8.53
N MSE A 54 13.49 -3.24 -9.49
CA MSE A 54 12.48 -3.94 -10.27
C MSE A 54 13.10 -4.99 -11.19
O MSE A 54 12.51 -6.05 -11.38
CB MSE A 54 11.65 -2.95 -11.10
CG MSE A 54 10.45 -2.43 -10.35
SE MSE A 54 9.48 -3.91 -9.47
CE MSE A 54 8.90 -4.95 -11.04
N ALA A 55 14.26 -4.68 -11.76
CA ALA A 55 14.98 -5.67 -12.54
C ALA A 55 15.36 -6.89 -11.69
N VAL A 56 15.76 -6.67 -10.44
CA VAL A 56 15.98 -7.80 -9.53
C VAL A 56 14.69 -8.58 -9.35
N ALA A 57 13.58 -7.89 -9.11
CA ALA A 57 12.34 -8.61 -8.91
C ALA A 57 11.97 -9.41 -10.16
N ARG A 58 12.24 -8.85 -11.34
CA ARG A 58 11.95 -9.57 -12.58
C ARG A 58 12.73 -10.88 -12.66
N ALA A 59 14.03 -10.82 -12.40
CA ALA A 59 14.82 -12.03 -12.33
C ALA A 59 14.20 -13.06 -11.38
N SER A 60 13.87 -12.63 -10.16
CA SER A 60 13.39 -13.59 -9.15
CA SER A 60 13.40 -13.59 -9.16
C SER A 60 11.99 -14.09 -9.46
N LEU A 61 11.14 -13.23 -10.03
CA LEU A 61 9.81 -13.70 -10.41
C LEU A 61 9.88 -14.66 -11.58
N ASN A 62 10.80 -14.42 -12.51
CA ASN A 62 11.00 -15.35 -13.61
C ASN A 62 11.41 -16.74 -13.09
N ALA A 63 12.21 -16.79 -12.04
CA ALA A 63 12.60 -18.09 -11.51
C ALA A 63 11.40 -18.83 -10.92
N VAL A 64 10.51 -18.09 -10.23
CA VAL A 64 9.23 -18.66 -9.81
C VAL A 64 8.48 -19.22 -11.00
N LEU A 65 8.24 -18.39 -12.02
CA LEU A 65 7.56 -18.83 -13.25
C LEU A 65 8.15 -20.11 -13.82
N ARG A 66 9.48 -20.21 -13.86
CA ARG A 66 10.08 -21.40 -14.46
C ARG A 66 9.97 -22.62 -13.55
N ASP A 67 9.72 -22.43 -12.27
CA ASP A 67 9.66 -23.56 -11.36
C ASP A 67 8.25 -24.14 -11.23
N LEU A 68 7.25 -23.45 -11.76
N LEU A 68 7.24 -23.44 -11.74
CA LEU A 68 5.90 -23.99 -11.79
CA LEU A 68 5.86 -23.89 -11.56
C LEU A 68 5.83 -25.12 -12.81
C LEU A 68 5.59 -25.19 -12.29
C PRO B 5 5.18 21.00 -9.90
N GLU B 6 6.34 20.63 -10.42
CA GLU B 6 6.56 20.63 -11.85
C GLU B 6 5.60 19.61 -12.43
N ARG B 7 4.99 19.94 -13.58
CA ARG B 7 4.02 19.05 -14.20
C ARG B 7 4.70 17.82 -14.78
N GLY B 8 5.90 17.99 -15.35
CA GLY B 8 6.67 16.84 -15.76
C GLY B 8 6.95 15.89 -14.60
N ARG B 9 7.38 16.47 -13.46
CA ARG B 9 7.58 15.63 -12.28
CA ARG B 9 7.58 15.64 -12.27
C ARG B 9 6.26 15.07 -11.78
N LYS B 10 5.16 15.78 -11.98
CA LYS B 10 3.88 15.24 -11.54
C LYS B 10 3.52 14.00 -12.36
N ARG B 11 3.67 14.08 -13.69
CA ARG B 11 3.35 12.95 -14.55
C ARG B 11 4.19 11.73 -14.17
N LEU B 12 5.49 11.93 -14.01
CA LEU B 12 6.37 10.89 -13.50
C LEU B 12 5.84 10.31 -12.19
N GLY B 13 5.44 11.19 -11.26
CA GLY B 13 4.90 10.72 -9.99
C GLY B 13 3.70 9.81 -10.14
N ILE B 14 2.80 10.16 -11.06
CA ILE B 14 1.61 9.34 -11.27
C ILE B 14 1.98 7.97 -11.81
N TYR B 15 2.94 7.92 -12.75
CA TYR B 15 3.42 6.64 -13.25
C TYR B 15 4.00 5.80 -12.13
N LEU B 16 4.81 6.41 -11.27
CA LEU B 16 5.42 5.68 -10.17
C LEU B 16 4.38 5.25 -9.15
N ALA B 17 3.44 6.15 -8.82
CA ALA B 17 2.32 5.76 -7.96
C ALA B 17 1.62 4.52 -8.50
N HIS B 18 1.35 4.52 -9.81
CA HIS B 18 0.72 3.37 -10.44
C HIS B 18 1.60 2.12 -10.37
N PHE B 19 2.92 2.29 -10.56
CA PHE B 19 3.86 1.16 -10.45
C PHE B 19 3.90 0.63 -9.03
N LEU B 20 3.88 1.52 -8.04
CA LEU B 20 3.76 1.05 -6.67
C LEU B 20 2.49 0.23 -6.49
N ASP B 21 1.38 0.67 -7.11
CA ASP B 21 0.14 -0.09 -7.03
C ASP B 21 0.33 -1.49 -7.58
N HIS B 22 1.11 -1.63 -8.65
CA HIS B 22 1.41 -2.95 -9.21
C HIS B 22 2.22 -3.81 -8.24
N VAL B 23 3.22 -3.22 -7.60
CA VAL B 23 4.04 -3.92 -6.64
C VAL B 23 3.17 -4.48 -5.51
N GLU B 24 2.53 -3.57 -4.77
CA GLU B 24 1.70 -3.99 -3.64
C GLU B 24 0.61 -4.95 -4.11
N GLY B 25 -0.09 -4.61 -5.19
CA GLY B 25 -1.14 -5.48 -5.66
C GLY B 25 -0.63 -6.87 -6.01
N HIS B 26 0.51 -6.95 -6.68
CA HIS B 26 1.07 -8.23 -7.06
C HIS B 26 1.46 -9.07 -5.85
N MSE B 27 1.99 -8.43 -4.82
CA MSE B 27 2.25 -9.10 -3.56
C MSE B 27 0.94 -9.67 -2.94
O MSE B 27 0.92 -10.75 -2.36
CB MSE B 27 2.95 -8.16 -2.59
CG MSE B 27 4.31 -7.67 -3.10
SE MSE B 27 5.22 -6.37 -1.92
CE MSE B 27 5.65 -7.59 -0.43
N GLY B 28 -0.16 -8.93 -3.09
CA GLY B 28 -1.44 -9.48 -2.65
C GLY B 28 -1.90 -10.63 -3.54
N GLU B 29 -1.61 -10.56 -4.84
CA GLU B 29 -1.95 -11.67 -5.73
C GLU B 29 -1.26 -12.96 -5.28
N ILE B 30 0.06 -12.91 -5.11
CA ILE B 30 0.79 -14.08 -4.65
C ILE B 30 0.17 -14.64 -3.39
N GLY B 31 -0.13 -13.77 -2.42
CA GLY B 31 -0.76 -14.21 -1.18
C GLY B 31 -2.09 -14.92 -1.39
N VAL B 32 -2.85 -14.50 -2.40
CA VAL B 32 -4.15 -15.12 -2.66
C VAL B 32 -3.98 -16.45 -3.36
N GLN B 33 -3.01 -16.58 -4.25
CA GLN B 33 -2.92 -17.78 -5.07
C GLN B 33 -2.09 -18.88 -4.42
N ARG B 34 -1.38 -18.56 -3.34
CA ARG B 34 -0.22 -19.35 -2.96
C ARG B 34 -0.61 -20.74 -2.48
N ASP B 35 -1.69 -20.84 -1.69
CA ASP B 35 -1.98 -22.10 -1.01
C ASP B 35 -2.30 -23.22 -2.00
N ALA B 36 -3.04 -22.90 -3.05
CA ALA B 36 -3.39 -23.90 -4.05
C ALA B 36 -2.19 -24.38 -4.87
N LEU B 37 -0.97 -23.93 -4.58
CA LEU B 37 0.20 -24.36 -5.34
C LEU B 37 0.80 -25.66 -4.83
N ALA B 38 0.53 -26.03 -3.57
CA ALA B 38 1.16 -27.17 -2.90
C ALA B 38 2.68 -27.16 -3.06
N GLU B 39 3.28 -26.03 -2.70
CA GLU B 39 4.70 -25.81 -2.92
C GLU B 39 5.55 -26.74 -2.06
N ASP B 40 6.68 -27.18 -2.62
CA ASP B 40 7.72 -27.79 -1.81
C ASP B 40 8.67 -26.70 -1.31
N ALA B 41 9.73 -27.10 -0.62
CA ALA B 41 10.62 -26.11 -0.02
C ALA B 41 11.32 -25.24 -1.06
N ARG B 42 11.49 -25.75 -2.28
CA ARG B 42 12.24 -25.04 -3.32
C ARG B 42 11.38 -23.96 -3.99
N LEU B 43 10.15 -24.31 -4.35
CA LEU B 43 9.24 -23.29 -4.87
C LEU B 43 8.96 -22.24 -3.81
N GLY B 44 8.79 -22.67 -2.55
CA GLY B 44 8.57 -21.72 -1.48
C GLY B 44 9.72 -20.75 -1.32
N ALA B 45 10.94 -21.27 -1.33
CA ALA B 45 12.13 -20.41 -1.26
C ALA B 45 12.10 -19.38 -2.38
N LEU B 46 11.76 -19.79 -3.60
CA LEU B 46 11.75 -18.88 -4.74
C LEU B 46 10.63 -17.84 -4.60
N ILE B 47 9.44 -18.28 -4.18
CA ILE B 47 8.35 -17.33 -3.95
C ILE B 47 8.75 -16.33 -2.88
N ASP B 48 9.25 -16.82 -1.74
CA ASP B 48 9.71 -15.89 -0.71
C ASP B 48 10.79 -14.96 -1.25
N ARG B 49 11.69 -15.48 -2.10
CA ARG B 49 12.73 -14.61 -2.63
C ARG B 49 12.16 -13.56 -3.56
N ALA B 50 11.27 -13.96 -4.47
CA ALA B 50 10.57 -13.00 -5.31
C ALA B 50 9.86 -11.96 -4.47
N LEU B 51 9.19 -12.40 -3.39
CA LEU B 51 8.44 -11.48 -2.55
C LEU B 51 9.35 -10.50 -1.83
N ALA B 52 10.47 -10.98 -1.32
CA ALA B 52 11.40 -10.06 -0.66
C ALA B 52 11.91 -9.03 -1.67
N ASP B 53 12.19 -9.45 -2.90
CA ASP B 53 12.63 -8.47 -3.90
C ASP B 53 11.54 -7.45 -4.20
N MSE B 54 10.28 -7.87 -4.19
CA MSE B 54 9.18 -6.91 -4.34
C MSE B 54 9.21 -5.88 -3.23
O MSE B 54 9.05 -4.67 -3.48
CB MSE B 54 7.81 -7.60 -4.36
CG MSE B 54 7.40 -8.31 -5.67
SE MSE B 54 7.61 -7.36 -7.42
CE MSE B 54 7.49 -5.54 -6.96
N ALA B 55 9.43 -6.35 -1.99
CA ALA B 55 9.46 -5.43 -0.84
C ALA B 55 10.57 -4.40 -0.94
N VAL B 56 11.73 -4.77 -1.51
CA VAL B 56 12.80 -3.80 -1.73
C VAL B 56 12.36 -2.76 -2.74
N ALA B 57 11.83 -3.22 -3.88
CA ALA B 57 11.31 -2.33 -4.90
C ALA B 57 10.21 -1.45 -4.33
N ARG B 58 9.36 -2.01 -3.46
CA ARG B 58 8.33 -1.21 -2.84
C ARG B 58 8.95 -0.10 -2.01
N ALA B 59 10.02 -0.43 -1.27
CA ALA B 59 10.70 0.55 -0.44
C ALA B 59 11.29 1.67 -1.29
N SER B 60 12.00 1.31 -2.37
CA SER B 60 12.57 2.34 -3.25
C SER B 60 11.47 3.21 -3.87
N LEU B 61 10.37 2.60 -4.30
CA LEU B 61 9.29 3.39 -4.88
C LEU B 61 8.69 4.34 -3.86
N ASN B 62 8.58 3.90 -2.60
CA ASN B 62 8.07 4.78 -1.55
C ASN B 62 9.01 5.94 -1.30
N ALA B 63 10.33 5.70 -1.33
CA ALA B 63 11.29 6.78 -1.19
C ALA B 63 11.06 7.84 -2.27
N VAL B 64 10.98 7.39 -3.52
CA VAL B 64 10.73 8.31 -4.64
C VAL B 64 9.43 9.07 -4.41
N LEU B 65 8.34 8.35 -4.15
CA LEU B 65 7.09 9.05 -3.89
C LEU B 65 7.21 9.97 -2.69
N ARG B 66 8.04 9.63 -1.69
CA ARG B 66 8.19 10.54 -0.55
C ARG B 66 8.84 11.87 -0.95
N ASP B 67 9.82 11.84 -1.84
CA ASP B 67 10.65 13.01 -2.05
C ASP B 67 10.14 13.92 -3.15
N LEU B 68 9.31 13.41 -4.04
CA LEU B 68 8.42 14.19 -4.91
C LEU B 68 7.81 13.25 -5.90
N PRO C 5 0.98 6.16 -30.27
CA PRO C 5 -0.22 6.93 -30.61
C PRO C 5 -1.40 5.98 -30.82
N GLU C 6 -1.46 5.39 -32.02
CA GLU C 6 -2.39 4.29 -32.25
C GLU C 6 -1.84 2.97 -31.75
N ARG C 7 -0.53 2.89 -31.49
CA ARG C 7 0.00 1.74 -30.76
C ARG C 7 -0.48 1.73 -29.31
N GLY C 8 -0.94 2.88 -28.81
CA GLY C 8 -1.48 2.96 -27.46
C GLY C 8 -2.85 2.31 -27.32
N ARG C 9 -3.51 2.01 -28.44
CA ARG C 9 -4.75 1.25 -28.37
C ARG C 9 -4.50 -0.26 -28.35
N LYS C 10 -3.43 -0.73 -29.01
CA LYS C 10 -3.13 -2.15 -28.97
C LYS C 10 -2.66 -2.56 -27.58
N ARG C 11 -1.93 -1.66 -26.92
CA ARG C 11 -1.43 -1.94 -25.58
C ARG C 11 -2.58 -1.95 -24.56
N LEU C 12 -3.49 -0.98 -24.67
CA LEU C 12 -4.63 -0.94 -23.76
C LEU C 12 -5.55 -2.12 -23.97
N GLY C 13 -5.66 -2.61 -25.20
CA GLY C 13 -6.59 -3.70 -25.46
C GLY C 13 -6.05 -5.04 -24.96
N ILE C 14 -4.73 -5.20 -24.98
CA ILE C 14 -4.11 -6.37 -24.37
C ILE C 14 -4.31 -6.36 -22.87
N TYR C 15 -4.13 -5.19 -22.25
CA TYR C 15 -4.41 -5.04 -20.83
C TYR C 15 -5.83 -5.44 -20.50
N LEU C 16 -6.81 -4.75 -21.11
CA LEU C 16 -8.22 -5.04 -20.79
C LEU C 16 -8.57 -6.51 -21.01
N ALA C 17 -8.05 -7.11 -22.08
CA ALA C 17 -8.32 -8.52 -22.33
C ALA C 17 -7.89 -9.38 -21.16
N HIS C 18 -6.63 -9.22 -20.74
CA HIS C 18 -6.12 -9.95 -19.57
C HIS C 18 -6.89 -9.60 -18.32
N PHE C 19 -7.17 -8.31 -18.12
CA PHE C 19 -7.83 -7.87 -16.90
C PHE C 19 -9.20 -8.52 -16.76
N LEU C 20 -9.99 -8.54 -17.85
CA LEU C 20 -11.35 -9.08 -17.73
C LEU C 20 -11.34 -10.58 -17.50
N ASP C 21 -10.40 -11.31 -18.11
CA ASP C 21 -10.24 -12.73 -17.78
C ASP C 21 -9.85 -12.90 -16.32
N HIS C 22 -8.98 -12.03 -15.81
CA HIS C 22 -8.55 -12.15 -14.41
C HIS C 22 -9.69 -11.81 -13.47
N VAL C 23 -10.42 -10.73 -13.76
CA VAL C 23 -11.60 -10.38 -12.97
C VAL C 23 -12.64 -11.48 -13.00
N GLU C 24 -12.84 -12.11 -14.17
CA GLU C 24 -13.81 -13.19 -14.28
C GLU C 24 -13.55 -14.27 -13.24
N GLY C 25 -12.27 -14.59 -13.02
CA GLY C 25 -11.93 -15.64 -12.07
C GLY C 25 -12.19 -15.23 -10.64
N HIS C 26 -12.04 -13.94 -10.32
CA HIS C 26 -12.33 -13.51 -8.96
C HIS C 26 -13.82 -13.41 -8.69
N MSE C 27 -14.63 -13.14 -9.70
CA MSE C 27 -16.07 -13.09 -9.49
C MSE C 27 -16.59 -14.50 -9.25
O MSE C 27 -17.44 -14.70 -8.41
CB MSE C 27 -16.80 -12.43 -10.66
CG MSE C 27 -16.38 -10.98 -10.97
SE MSE C 27 -16.50 -9.76 -9.45
CE MSE C 27 -14.63 -9.75 -8.77
N GLY C 28 -16.05 -15.47 -9.99
CA GLY C 28 -16.39 -16.86 -9.70
C GLY C 28 -16.10 -17.27 -8.27
N GLU C 29 -14.90 -16.94 -7.77
CA GLU C 29 -14.54 -17.27 -6.39
C GLU C 29 -15.51 -16.66 -5.40
N ILE C 30 -15.80 -15.37 -5.57
CA ILE C 30 -16.75 -14.68 -4.70
C ILE C 30 -18.12 -15.34 -4.81
N GLY C 31 -18.55 -15.64 -6.04
CA GLY C 31 -19.80 -16.36 -6.24
C GLY C 31 -19.85 -17.68 -5.48
N VAL C 32 -18.72 -18.40 -5.44
CA VAL C 32 -18.65 -19.65 -4.67
C VAL C 32 -18.86 -19.38 -3.19
N GLN C 33 -18.22 -18.33 -2.66
CA GLN C 33 -18.37 -18.04 -1.24
C GLN C 33 -19.78 -17.56 -0.91
N ARG C 34 -20.38 -16.75 -1.79
CA ARG C 34 -21.77 -16.35 -1.58
C ARG C 34 -22.67 -17.57 -1.45
N ASP C 35 -22.42 -18.60 -2.24
CA ASP C 35 -23.26 -19.78 -2.16
C ASP C 35 -23.06 -20.50 -0.84
N ALA C 36 -21.82 -20.82 -0.50
CA ALA C 36 -21.55 -21.45 0.80
C ALA C 36 -22.14 -20.65 1.95
N LEU C 37 -22.07 -19.32 1.87
CA LEU C 37 -22.53 -18.42 2.91
C LEU C 37 -24.01 -18.12 2.80
N ALA C 38 -24.77 -18.94 2.08
CA ALA C 38 -26.16 -18.63 1.75
C ALA C 38 -27.05 -18.47 2.97
N GLU C 39 -26.68 -19.06 4.10
CA GLU C 39 -27.53 -18.98 5.29
C GLU C 39 -27.66 -17.55 5.80
N ASP C 40 -26.68 -16.68 5.52
CA ASP C 40 -26.75 -15.27 5.91
C ASP C 40 -27.35 -14.49 4.75
N ALA C 41 -28.68 -14.30 4.81
CA ALA C 41 -29.38 -13.66 3.71
C ALA C 41 -28.84 -12.27 3.44
N ARG C 42 -28.72 -11.44 4.48
CA ARG C 42 -28.34 -10.05 4.28
C ARG C 42 -27.01 -9.94 3.54
N LEU C 43 -26.01 -10.71 3.97
CA LEU C 43 -24.71 -10.68 3.32
C LEU C 43 -24.78 -11.21 1.90
N GLY C 44 -25.58 -12.24 1.67
CA GLY C 44 -25.79 -12.72 0.33
C GLY C 44 -26.36 -11.64 -0.58
N ALA C 45 -27.29 -10.84 -0.06
CA ALA C 45 -27.86 -9.75 -0.86
C ALA C 45 -26.81 -8.71 -1.19
N LEU C 46 -26.00 -8.32 -0.22
CA LEU C 46 -24.90 -7.39 -0.48
C LEU C 46 -23.99 -7.93 -1.56
N ILE C 47 -23.69 -9.22 -1.51
CA ILE C 47 -22.81 -9.83 -2.50
C ILE C 47 -23.46 -9.82 -3.87
N ASP C 48 -24.78 -10.05 -3.93
CA ASP C 48 -25.46 -10.05 -5.22
C ASP C 48 -25.37 -8.68 -5.88
N ARG C 49 -25.66 -7.62 -5.12
CA ARG C 49 -25.53 -6.27 -5.68
C ARG C 49 -24.13 -6.05 -6.23
N ALA C 50 -23.11 -6.34 -5.40
CA ALA C 50 -21.72 -6.16 -5.81
C ALA C 50 -21.39 -6.94 -7.07
N LEU C 51 -21.81 -8.20 -7.15
CA LEU C 51 -21.50 -8.98 -8.36
C LEU C 51 -22.24 -8.43 -9.57
N ALA C 52 -23.43 -7.90 -9.35
CA ALA C 52 -24.17 -7.28 -10.44
C ALA C 52 -23.49 -5.99 -10.88
N ASP C 53 -23.04 -5.19 -9.92
CA ASP C 53 -22.30 -3.96 -10.27
C ASP C 53 -21.02 -4.29 -11.01
N MSE C 54 -20.36 -5.38 -10.65
CA MSE C 54 -19.16 -5.75 -11.40
C MSE C 54 -19.57 -6.20 -12.81
O MSE C 54 -18.91 -5.87 -13.78
CB MSE C 54 -18.36 -6.82 -10.67
CG MSE C 54 -16.87 -6.80 -11.09
SE MSE C 54 -16.05 -5.06 -10.69
CE MSE C 54 -16.28 -5.15 -8.79
N ALA C 55 -20.67 -6.94 -12.91
CA ALA C 55 -21.18 -7.31 -14.22
C ALA C 55 -21.36 -6.08 -15.11
N VAL C 56 -21.92 -5.01 -14.56
CA VAL C 56 -22.08 -3.79 -15.35
C VAL C 56 -20.72 -3.18 -15.69
N ALA C 57 -19.81 -3.14 -14.72
CA ALA C 57 -18.48 -2.61 -14.95
C ALA C 57 -17.73 -3.42 -16.00
N ARG C 58 -17.88 -4.73 -15.97
CA ARG C 58 -17.23 -5.60 -16.96
C ARG C 58 -17.79 -5.35 -18.35
N ALA C 59 -19.10 -5.09 -18.46
CA ALA C 59 -19.68 -4.76 -19.77
C ALA C 59 -19.17 -3.41 -20.29
N SER C 60 -19.00 -2.42 -19.42
CA SER C 60 -18.53 -1.12 -19.94
C SER C 60 -17.07 -1.19 -20.36
N LEU C 61 -16.28 -1.96 -19.62
CA LEU C 61 -14.89 -2.18 -20.03
C LEU C 61 -14.82 -2.97 -21.32
N ASN C 62 -15.67 -3.99 -21.45
CA ASN C 62 -15.70 -4.71 -22.72
C ASN C 62 -16.10 -3.78 -23.86
N ALA C 63 -17.01 -2.84 -23.60
CA ALA C 63 -17.35 -1.84 -24.61
C ALA C 63 -16.12 -1.04 -25.02
N VAL C 64 -15.38 -0.52 -24.04
CA VAL C 64 -14.13 0.17 -24.34
C VAL C 64 -13.25 -0.71 -25.23
N LEU C 65 -13.09 -1.96 -24.84
CA LEU C 65 -12.23 -2.89 -25.57
C LEU C 65 -12.64 -2.99 -27.03
N ARG C 66 -13.93 -3.23 -27.30
CA ARG C 66 -14.43 -3.30 -28.66
C ARG C 66 -14.14 -2.00 -29.43
N ASP C 67 -14.25 -0.86 -28.77
CA ASP C 67 -14.13 0.42 -29.47
C ASP C 67 -12.69 0.82 -29.77
N LEU C 68 -11.73 0.25 -29.05
CA LEU C 68 -10.33 0.52 -29.29
C LEU C 68 -9.97 0.12 -30.71
N GLU D 3 -14.65 -25.05 4.21
CA GLU D 3 -16.05 -25.42 4.02
C GLU D 3 -16.91 -25.04 5.24
N SER D 4 -16.26 -24.80 6.39
CA SER D 4 -16.95 -24.30 7.58
C SER D 4 -17.23 -22.80 7.42
N PRO D 5 -18.39 -22.33 7.92
CA PRO D 5 -18.81 -20.96 7.57
C PRO D 5 -17.85 -19.88 8.00
N GLU D 6 -17.22 -20.02 9.17
CA GLU D 6 -16.26 -18.99 9.59
C GLU D 6 -15.06 -18.97 8.66
N ARG D 7 -14.64 -20.13 8.17
CA ARG D 7 -13.48 -20.15 7.27
C ARG D 7 -13.83 -19.57 5.90
N GLY D 8 -15.08 -19.69 5.46
CA GLY D 8 -15.47 -19.09 4.20
C GLY D 8 -15.59 -17.58 4.28
N ARG D 9 -16.06 -17.05 5.42
CA ARG D 9 -16.11 -15.61 5.61
C ARG D 9 -14.72 -15.01 5.65
N LYS D 10 -13.75 -15.73 6.25
CA LYS D 10 -12.36 -15.25 6.21
C LYS D 10 -11.84 -15.26 4.77
N ARG D 11 -12.06 -16.37 4.05
CA ARG D 11 -11.72 -16.44 2.64
C ARG D 11 -12.31 -15.27 1.87
N LEU D 12 -13.63 -15.06 2.01
CA LEU D 12 -14.30 -13.97 1.30
C LEU D 12 -13.70 -12.62 1.65
N GLY D 13 -13.36 -12.41 2.92
CA GLY D 13 -12.67 -11.19 3.29
C GLY D 13 -11.38 -11.00 2.51
N ILE D 14 -10.67 -12.10 2.26
CA ILE D 14 -9.39 -11.98 1.57
C ILE D 14 -9.63 -11.65 0.10
N TYR D 15 -10.60 -12.34 -0.50
CA TYR D 15 -11.02 -12.06 -1.87
C TYR D 15 -11.40 -10.61 -2.04
N LEU D 16 -12.12 -10.05 -1.06
CA LEU D 16 -12.66 -8.71 -1.21
C LEU D 16 -11.56 -7.67 -1.08
N ALA D 17 -10.74 -7.80 -0.03
CA ALA D 17 -9.59 -6.90 0.09
C ALA D 17 -8.73 -6.97 -1.16
N HIS D 18 -8.55 -8.18 -1.71
CA HIS D 18 -7.73 -8.31 -2.89
C HIS D 18 -8.35 -7.59 -4.08
N PHE D 19 -9.64 -7.85 -4.35
CA PHE D 19 -10.23 -7.21 -5.51
C PHE D 19 -10.29 -5.69 -5.33
N LEU D 20 -10.35 -5.17 -4.11
CA LEU D 20 -10.20 -3.73 -3.90
C LEU D 20 -8.82 -3.26 -4.38
N ASP D 21 -7.79 -4.09 -4.24
CA ASP D 21 -6.51 -3.74 -4.83
C ASP D 21 -6.58 -3.72 -6.35
N HIS D 22 -7.44 -4.58 -6.94
CA HIS D 22 -7.61 -4.60 -8.39
C HIS D 22 -8.25 -3.32 -8.87
N VAL D 23 -9.24 -2.80 -8.13
CA VAL D 23 -9.86 -1.54 -8.52
C VAL D 23 -8.83 -0.42 -8.55
N GLU D 24 -8.09 -0.24 -7.45
CA GLU D 24 -7.06 0.79 -7.38
C GLU D 24 -6.06 0.64 -8.53
N GLY D 25 -5.59 -0.58 -8.78
CA GLY D 25 -4.66 -0.78 -9.88
C GLY D 25 -5.27 -0.40 -11.21
N HIS D 26 -6.54 -0.77 -11.42
CA HIS D 26 -7.17 -0.59 -12.72
C HIS D 26 -7.50 0.90 -13.00
N MSE D 27 -8.12 1.58 -12.05
CA MSE D 27 -8.34 3.04 -12.19
C MSE D 27 -7.05 3.73 -12.62
O MSE D 27 -7.01 4.47 -13.61
CB MSE D 27 -8.79 3.68 -10.89
CG MSE D 27 -9.86 2.95 -10.16
SE MSE D 27 -11.59 3.23 -11.00
CE MSE D 27 -12.63 3.39 -9.41
N GLY D 28 -6.00 3.47 -11.84
CA GLY D 28 -4.67 3.94 -12.17
C GLY D 28 -4.25 3.56 -13.57
N GLU D 29 -4.50 2.30 -13.96
CA GLU D 29 -4.14 1.86 -15.31
C GLU D 29 -4.79 2.73 -16.36
N ILE D 30 -6.10 2.94 -16.25
CA ILE D 30 -6.79 3.73 -17.24
C ILE D 30 -6.21 5.15 -17.27
N GLY D 31 -6.02 5.74 -16.10
CA GLY D 31 -5.48 7.08 -16.03
C GLY D 31 -4.17 7.25 -16.77
N VAL D 32 -3.27 6.27 -16.67
CA VAL D 32 -1.97 6.47 -17.30
C VAL D 32 -2.01 6.17 -18.79
N GLN D 33 -2.66 5.07 -19.19
CA GLN D 33 -2.65 4.69 -20.58
C GLN D 33 -3.55 5.56 -21.44
N ARG D 34 -4.46 6.30 -20.82
CA ARG D 34 -5.47 7.03 -21.56
C ARG D 34 -4.85 8.11 -22.45
N ASP D 35 -3.90 8.88 -21.91
CA ASP D 35 -3.43 10.03 -22.66
C ASP D 35 -2.72 9.60 -23.94
N ALA D 36 -2.13 8.40 -23.95
CA ALA D 36 -1.55 7.85 -25.16
C ALA D 36 -2.59 7.49 -26.21
N LEU D 37 -3.88 7.40 -25.83
CA LEU D 37 -4.88 6.91 -26.76
C LEU D 37 -5.19 7.92 -27.87
N ALA D 38 -4.98 9.21 -27.61
CA ALA D 38 -5.51 10.25 -28.48
C ALA D 38 -6.98 9.98 -28.76
N GLU D 39 -7.75 9.97 -27.67
CA GLU D 39 -9.13 9.53 -27.72
C GLU D 39 -10.01 10.48 -28.54
N ASP D 40 -10.85 9.90 -29.39
CA ASP D 40 -11.98 10.66 -29.88
C ASP D 40 -13.00 10.78 -28.75
N ALA D 41 -13.99 11.65 -28.94
CA ALA D 41 -14.97 11.87 -27.88
C ALA D 41 -15.76 10.60 -27.58
N ARG D 42 -16.05 9.79 -28.61
CA ARG D 42 -16.85 8.58 -28.40
C ARG D 42 -16.11 7.60 -27.49
N LEU D 43 -14.88 7.22 -27.86
CA LEU D 43 -14.06 6.39 -26.98
C LEU D 43 -13.88 7.04 -25.61
N GLY D 44 -13.62 8.35 -25.59
CA GLY D 44 -13.55 9.08 -24.33
C GLY D 44 -14.80 8.96 -23.49
N ALA D 45 -15.96 8.84 -24.12
CA ALA D 45 -17.19 8.72 -23.34
C ALA D 45 -17.34 7.32 -22.76
N LEU D 46 -16.95 6.29 -23.51
CA LEU D 46 -17.03 4.93 -23.00
C LEU D 46 -16.11 4.76 -21.81
N ILE D 47 -14.91 5.35 -21.89
CA ILE D 47 -13.92 5.19 -20.83
C ILE D 47 -14.42 5.81 -19.55
N ASP D 48 -14.88 7.06 -19.62
CA ASP D 48 -15.50 7.71 -18.47
C ASP D 48 -16.64 6.86 -17.91
N ARG D 49 -17.41 6.23 -18.80
CA ARG D 49 -18.53 5.38 -18.37
C ARG D 49 -18.04 4.15 -17.62
N ALA D 50 -16.99 3.49 -18.14
CA ALA D 50 -16.44 2.32 -17.45
C ALA D 50 -15.86 2.69 -16.09
N LEU D 51 -15.13 3.81 -16.01
CA LEU D 51 -14.62 4.28 -14.72
C LEU D 51 -15.75 4.50 -13.71
N ALA D 52 -16.77 5.28 -14.10
CA ALA D 52 -17.91 5.50 -13.20
C ALA D 52 -18.52 4.16 -12.75
N ASP D 53 -18.68 3.21 -13.68
CA ASP D 53 -19.21 1.90 -13.31
C ASP D 53 -18.28 1.17 -12.34
N MSE D 54 -16.97 1.25 -12.56
CA MSE D 54 -16.01 0.66 -11.64
C MSE D 54 -16.11 1.32 -10.24
O MSE D 54 -16.04 0.64 -9.22
CB MSE D 54 -14.58 0.78 -12.20
CG MSE D 54 -13.57 -0.07 -11.47
SE MSE D 54 -14.02 -2.01 -11.45
CE MSE D 54 -14.00 -2.32 -13.35
N ALA D 55 -16.34 2.63 -10.22
CA ALA D 55 -16.47 3.33 -8.94
C ALA D 55 -17.72 2.88 -8.17
N VAL D 56 -18.83 2.63 -8.88
CA VAL D 56 -20.00 2.06 -8.21
C VAL D 56 -19.67 0.67 -7.67
N ALA D 57 -18.90 -0.10 -8.44
CA ALA D 57 -18.57 -1.45 -8.03
C ALA D 57 -17.72 -1.43 -6.76
N ARG D 58 -16.72 -0.55 -6.71
CA ARG D 58 -15.89 -0.46 -5.51
C ARG D 58 -16.74 -0.19 -4.28
N ALA D 59 -17.71 0.74 -4.39
CA ALA D 59 -18.57 1.03 -3.25
C ALA D 59 -19.47 -0.16 -2.90
N SER D 60 -19.89 -0.96 -3.88
CA SER D 60 -20.67 -2.15 -3.54
C SER D 60 -19.81 -3.29 -3.02
N LEU D 61 -18.52 -3.26 -3.30
CA LEU D 61 -17.62 -4.25 -2.71
C LEU D 61 -17.27 -3.86 -1.28
N ASN D 62 -17.02 -2.57 -1.05
CA ASN D 62 -16.82 -2.06 0.30
C ASN D 62 -17.97 -2.42 1.21
N ALA D 63 -19.20 -2.21 0.72
CA ALA D 63 -20.40 -2.51 1.49
C ALA D 63 -20.47 -3.98 1.89
N VAL D 64 -19.94 -4.88 1.07
CA VAL D 64 -19.86 -6.27 1.53
C VAL D 64 -18.79 -6.41 2.60
N LEU D 65 -17.65 -5.76 2.38
CA LEU D 65 -16.56 -5.89 3.33
C LEU D 65 -16.91 -5.24 4.66
N ARG D 66 -17.65 -4.14 4.63
CA ARG D 66 -18.11 -3.53 5.89
C ARG D 66 -18.97 -4.51 6.69
N ASP D 67 -19.78 -5.29 5.99
CA ASP D 67 -20.77 -6.10 6.69
C ASP D 67 -20.20 -7.44 7.15
N LEU D 68 -19.21 -7.95 6.41
CA LEU D 68 -18.35 -9.07 6.77
C LEU D 68 -17.68 -9.59 5.50
N SER E 4 7.22 -12.97 25.15
CA SER E 4 6.13 -13.16 26.11
C SER E 4 4.83 -12.55 25.61
N PRO E 5 3.78 -13.37 25.52
CA PRO E 5 2.47 -12.83 25.14
C PRO E 5 2.05 -11.65 26.01
N GLU E 6 2.35 -11.70 27.31
CA GLU E 6 2.05 -10.57 28.19
C GLU E 6 2.68 -9.28 27.68
N ARG E 7 4.00 -9.30 27.49
CA ARG E 7 4.69 -8.13 26.97
C ARG E 7 4.13 -7.70 25.61
N GLY E 8 3.90 -8.67 24.72
CA GLY E 8 3.41 -8.31 23.39
C GLY E 8 2.07 -7.59 23.42
N ARG E 9 1.16 -8.05 24.28
CA ARG E 9 -0.17 -7.45 24.35
C ARG E 9 -0.13 -6.08 25.02
N LYS E 10 0.68 -5.93 26.06
CA LYS E 10 0.87 -4.60 26.65
C LYS E 10 1.48 -3.65 25.63
N ARG E 11 2.55 -4.10 24.98
CA ARG E 11 3.22 -3.28 23.99
C ARG E 11 2.26 -2.81 22.89
N LEU E 12 1.50 -3.75 22.30
CA LEU E 12 0.56 -3.39 21.25
C LEU E 12 -0.52 -2.46 21.79
N GLY E 13 -0.96 -2.69 23.03
CA GLY E 13 -1.96 -1.83 23.63
C GLY E 13 -1.51 -0.39 23.72
N ILE E 14 -0.26 -0.16 24.15
CA ILE E 14 0.31 1.18 24.14
C ILE E 14 0.32 1.76 22.73
N TYR E 15 0.74 0.96 21.75
CA TYR E 15 0.77 1.44 20.38
C TYR E 15 -0.62 1.86 19.92
N LEU E 16 -1.63 1.00 20.18
CA LEU E 16 -2.99 1.28 19.74
C LEU E 16 -3.52 2.59 20.31
N ALA E 17 -3.22 2.86 21.58
CA ALA E 17 -3.74 4.06 22.22
C ALA E 17 -3.06 5.30 21.67
N HIS E 18 -1.76 5.23 21.40
CA HIS E 18 -1.05 6.32 20.73
C HIS E 18 -1.61 6.54 19.33
N PHE E 19 -1.77 5.46 18.58
CA PHE E 19 -2.24 5.57 17.20
C PHE E 19 -3.65 6.14 17.14
N LEU E 20 -4.55 5.63 17.98
CA LEU E 20 -5.92 6.16 17.96
C LEU E 20 -5.93 7.66 18.26
N ASP E 21 -5.10 8.11 19.20
CA ASP E 21 -5.07 9.54 19.49
C ASP E 21 -4.52 10.33 18.30
N HIS E 22 -3.46 9.81 17.69
CA HIS E 22 -2.82 10.52 16.59
C HIS E 22 -3.74 10.65 15.38
N VAL E 23 -4.35 9.54 14.95
CA VAL E 23 -5.17 9.63 13.74
C VAL E 23 -6.45 10.42 13.99
N GLU E 24 -6.95 10.45 15.23
CA GLU E 24 -8.14 11.24 15.53
C GLU E 24 -7.88 12.75 15.37
N GLY E 25 -6.66 13.20 15.72
CA GLY E 25 -6.29 14.58 15.41
C GLY E 25 -6.29 14.86 13.92
N HIS E 26 -5.85 13.87 13.11
CA HIS E 26 -5.84 14.04 11.66
C HIS E 26 -7.25 14.05 11.09
N MSE E 27 -8.12 13.16 11.58
CA MSE E 27 -9.51 13.16 11.15
C MSE E 27 -10.16 14.51 11.42
O MSE E 27 -10.91 15.00 10.60
CB MSE E 27 -10.30 12.07 11.84
CG MSE E 27 -10.02 10.69 11.31
SE MSE E 27 -10.93 9.46 12.52
CE MSE E 27 -12.79 9.81 11.96
N GLY E 28 -9.82 15.10 12.57
CA GLY E 28 -10.34 16.41 12.90
C GLY E 28 -9.88 17.49 11.93
N GLU E 29 -8.57 17.54 11.68
CA GLU E 29 -7.99 18.46 10.70
C GLU E 29 -8.60 18.25 9.32
N ILE E 30 -8.73 17.00 8.91
CA ILE E 30 -9.18 16.76 7.55
C ILE E 30 -10.64 17.14 7.39
N GLY E 31 -11.47 16.83 8.39
CA GLY E 31 -12.87 17.21 8.34
C GLY E 31 -13.07 18.72 8.25
N VAL E 32 -12.29 19.48 9.01
CA VAL E 32 -12.45 20.94 9.01
C VAL E 32 -12.07 21.53 7.65
N GLN E 33 -10.92 21.11 7.09
CA GLN E 33 -10.59 21.48 5.71
C GLN E 33 -11.68 21.02 4.74
N ARG E 34 -12.22 19.83 4.95
CA ARG E 34 -13.27 19.37 4.05
C ARG E 34 -14.49 20.27 4.14
N ASP E 35 -14.79 20.76 5.35
CA ASP E 35 -15.96 21.62 5.53
C ASP E 35 -15.80 22.94 4.80
N ALA E 36 -14.57 23.37 4.55
CA ALA E 36 -14.29 24.61 3.83
C ALA E 36 -14.52 24.47 2.33
N LEU E 37 -14.72 23.26 1.83
CA LEU E 37 -14.97 23.06 0.41
C LEU E 37 -16.30 23.71 0.01
N ALA E 38 -16.47 23.95 -1.29
CA ALA E 38 -17.74 24.44 -1.77
C ALA E 38 -18.85 23.45 -1.46
N GLU E 39 -20.08 23.97 -1.26
CA GLU E 39 -21.17 23.08 -0.85
C GLU E 39 -21.46 22.01 -1.91
N ASP E 40 -21.13 22.27 -3.16
CA ASP E 40 -21.35 21.31 -4.24
C ASP E 40 -20.04 20.67 -4.73
N ALA E 41 -19.07 20.50 -3.83
CA ALA E 41 -17.80 19.87 -4.18
C ALA E 41 -17.94 18.37 -3.99
N ARG E 42 -17.88 17.62 -5.09
CA ARG E 42 -18.03 16.17 -5.00
C ARG E 42 -16.91 15.56 -4.15
N LEU E 43 -15.74 16.21 -4.11
CA LEU E 43 -14.69 15.75 -3.22
C LEU E 43 -15.19 15.64 -1.79
N GLY E 44 -16.17 16.47 -1.41
CA GLY E 44 -16.69 16.44 -0.04
C GLY E 44 -17.34 15.12 0.32
N ALA E 45 -18.17 14.60 -0.58
CA ALA E 45 -18.88 13.36 -0.31
C ALA E 45 -17.93 12.17 -0.25
N LEU E 46 -16.88 12.17 -1.09
CA LEU E 46 -15.88 11.11 -1.00
C LEU E 46 -15.13 11.18 0.34
N ILE E 47 -14.81 12.38 0.81
CA ILE E 47 -14.11 12.48 2.09
C ILE E 47 -15.03 12.07 3.23
N ASP E 48 -16.32 12.40 3.16
CA ASP E 48 -17.23 11.98 4.23
C ASP E 48 -17.32 10.46 4.31
N ARG E 49 -17.33 9.77 3.16
CA ARG E 49 -17.31 8.31 3.19
C ARG E 49 -16.04 7.77 3.84
N ALA E 50 -14.89 8.38 3.53
CA ALA E 50 -13.64 7.87 4.11
C ALA E 50 -13.60 8.09 5.61
N LEU E 51 -13.97 9.28 6.07
CA LEU E 51 -13.92 9.60 7.48
C LEU E 51 -14.85 8.72 8.29
N ALA E 52 -16.04 8.43 7.75
CA ALA E 52 -16.96 7.50 8.41
C ALA E 52 -16.40 6.08 8.45
N ASP E 53 -15.77 5.64 7.35
CA ASP E 53 -15.10 4.34 7.40
C ASP E 53 -14.03 4.34 8.48
N MSE E 54 -13.43 5.49 8.74
CA MSE E 54 -12.44 5.60 9.79
C MSE E 54 -13.07 5.55 11.17
O MSE E 54 -12.48 5.03 12.10
CB MSE E 54 -11.65 6.90 9.63
CG MSE E 54 -10.49 6.75 8.68
SE MSE E 54 -9.42 5.12 9.10
CE MSE E 54 -8.91 5.47 10.95
N ALA E 55 -14.30 6.07 11.30
CA ALA E 55 -15.04 5.92 12.55
C ALA E 55 -15.34 4.45 12.83
N VAL E 56 -15.75 3.70 11.81
CA VAL E 56 -15.96 2.26 11.98
C VAL E 56 -14.65 1.57 12.38
N ALA E 57 -13.55 1.93 11.73
CA ALA E 57 -12.25 1.37 12.08
C ALA E 57 -11.94 1.62 13.55
N ARG E 58 -12.12 2.86 14.02
CA ARG E 58 -11.74 3.20 15.39
C ARG E 58 -12.52 2.37 16.42
N ALA E 59 -13.82 2.16 16.19
CA ALA E 59 -14.59 1.35 17.11
C ALA E 59 -14.11 -0.09 17.10
N SER E 60 -13.73 -0.62 15.92
CA SER E 60 -13.29 -2.01 15.87
C SER E 60 -11.92 -2.15 16.51
N LEU E 61 -11.07 -1.13 16.38
CA LEU E 61 -9.78 -1.14 17.06
C LEU E 61 -9.95 -0.99 18.55
N ASN E 62 -10.91 -0.16 18.99
CA ASN E 62 -11.18 -0.06 20.42
C ASN E 62 -11.62 -1.40 21.00
N ALA E 63 -12.36 -2.19 20.23
CA ALA E 63 -12.73 -3.53 20.69
C ALA E 63 -11.51 -4.45 20.78
N VAL E 64 -10.56 -4.33 19.84
CA VAL E 64 -9.29 -5.05 19.96
C VAL E 64 -8.56 -4.65 21.24
N LEU E 65 -8.51 -3.34 21.52
CA LEU E 65 -7.79 -2.88 22.72
C LEU E 65 -8.39 -3.45 23.99
N ARG E 66 -9.72 -3.52 24.07
CA ARG E 66 -10.34 -4.00 25.30
C ARG E 66 -10.24 -5.52 25.47
N ASP E 67 -9.78 -6.25 24.45
CA ASP E 67 -9.57 -7.69 24.60
C ASP E 67 -8.11 -8.09 24.77
N LEU E 68 -7.18 -7.18 24.57
CA LEU E 68 -5.78 -7.53 24.74
C LEU E 68 -5.51 -7.87 26.20
N SER F 4 -6.09 25.39 -12.84
CA SER F 4 -5.70 26.21 -11.69
C SER F 4 -4.78 25.44 -10.73
N PRO F 5 -4.07 26.20 -9.87
CA PRO F 5 -3.25 25.55 -8.83
C PRO F 5 -4.06 24.86 -7.72
N GLU F 6 -5.29 25.29 -7.45
CA GLU F 6 -6.17 24.67 -6.45
C GLU F 6 -5.44 24.39 -5.14
N ARG F 7 -4.97 25.47 -4.51
CA ARG F 7 -4.09 25.27 -3.36
C ARG F 7 -4.81 24.59 -2.21
N GLY F 8 -6.03 25.00 -1.91
CA GLY F 8 -6.73 24.40 -0.78
C GLY F 8 -6.94 22.92 -0.99
N ARG F 9 -7.27 22.53 -2.20
CA ARG F 9 -7.46 21.13 -2.57
C ARG F 9 -6.15 20.38 -2.44
N LYS F 10 -5.05 20.99 -2.86
CA LYS F 10 -3.78 20.28 -2.77
C LYS F 10 -3.35 20.09 -1.32
N ARG F 11 -3.53 21.11 -0.48
CA ARG F 11 -3.21 20.93 0.94
C ARG F 11 -4.01 19.77 1.52
N LEU F 12 -5.29 19.72 1.20
CA LEU F 12 -6.16 18.62 1.63
C LEU F 12 -5.58 17.28 1.19
N GLY F 13 -5.25 17.17 -0.10
CA GLY F 13 -4.72 15.92 -0.63
C GLY F 13 -3.46 15.46 0.06
N ILE F 14 -2.61 16.40 0.46
CA ILE F 14 -1.39 16.08 1.21
C ILE F 14 -1.74 15.51 2.58
N TYR F 15 -2.75 16.09 3.25
CA TYR F 15 -3.18 15.51 4.52
C TYR F 15 -3.74 14.11 4.30
N LEU F 16 -4.58 13.94 3.27
CA LEU F 16 -5.16 12.64 2.99
C LEU F 16 -4.11 11.61 2.60
N ALA F 17 -3.11 12.01 1.81
CA ALA F 17 -2.03 11.08 1.51
C ALA F 17 -1.32 10.64 2.78
N HIS F 18 -1.11 11.56 3.72
CA HIS F 18 -0.48 11.19 4.97
C HIS F 18 -1.38 10.30 5.81
N PHE F 19 -2.69 10.51 5.72
CA PHE F 19 -3.61 9.68 6.48
C PHE F 19 -3.61 8.25 5.96
N LEU F 20 -3.49 8.09 4.64
CA LEU F 20 -3.36 6.76 4.06
C LEU F 20 -2.04 6.11 4.45
N ASP F 21 -0.96 6.91 4.57
CA ASP F 21 0.28 6.37 5.11
C ASP F 21 0.02 5.73 6.48
N HIS F 22 -0.74 6.43 7.34
CA HIS F 22 -1.08 5.90 8.66
C HIS F 22 -1.86 4.59 8.55
N VAL F 23 -2.87 4.55 7.68
CA VAL F 23 -3.72 3.37 7.54
C VAL F 23 -2.88 2.17 7.12
N GLU F 24 -2.14 2.31 6.02
CA GLU F 24 -1.27 1.24 5.54
C GLU F 24 -0.17 0.92 6.55
N GLY F 25 0.45 1.95 7.14
CA GLY F 25 1.46 1.68 8.16
C GLY F 25 0.90 0.90 9.34
N HIS F 26 -0.33 1.22 9.74
CA HIS F 26 -0.94 0.56 10.88
C HIS F 26 -1.22 -0.90 10.59
N MSE F 27 -1.74 -1.20 9.40
CA MSE F 27 -1.98 -2.59 9.01
C MSE F 27 -0.67 -3.36 9.06
O MSE F 27 -0.63 -4.50 9.50
CB MSE F 27 -2.62 -2.66 7.63
CG MSE F 27 -4.04 -2.06 7.60
SE MSE F 27 -4.79 -1.85 5.79
CE MSE F 27 -5.19 -3.77 5.49
N GLY F 28 0.41 -2.69 8.66
CA GLY F 28 1.73 -3.29 8.76
C GLY F 28 2.17 -3.44 10.20
N GLU F 29 1.89 -2.44 11.03
CA GLU F 29 2.24 -2.58 12.45
C GLU F 29 1.59 -3.81 13.06
N ILE F 30 0.29 -3.99 12.82
CA ILE F 30 -0.43 -5.16 13.33
C ILE F 30 0.21 -6.44 12.81
N GLY F 31 0.48 -6.48 11.51
CA GLY F 31 1.15 -7.66 10.94
C GLY F 31 2.42 -8.02 11.68
N VAL F 32 3.23 -7.02 12.00
CA VAL F 32 4.52 -7.28 12.64
C VAL F 32 4.33 -7.71 14.10
N GLN F 33 3.32 -7.17 14.79
CA GLN F 33 3.19 -7.42 16.22
C GLN F 33 2.27 -8.58 16.56
N ARG F 34 1.58 -9.14 15.57
CA ARG F 34 0.48 -10.06 15.86
C ARG F 34 0.97 -11.36 16.47
N ASP F 35 2.06 -11.93 15.94
CA ASP F 35 2.47 -13.27 16.35
C ASP F 35 2.84 -13.30 17.82
N ALA F 36 3.36 -12.20 18.35
CA ALA F 36 3.69 -12.13 19.77
C ALA F 36 2.46 -12.27 20.66
N LEU F 37 1.26 -12.04 20.14
CA LEU F 37 0.07 -11.94 20.99
C LEU F 37 -0.44 -13.30 21.48
N ALA F 38 -0.15 -14.37 20.76
CA ALA F 38 -0.73 -15.68 21.08
C ALA F 38 -2.25 -15.56 21.15
N GLU F 39 -2.85 -15.08 20.07
CA GLU F 39 -4.26 -14.78 20.09
C GLU F 39 -5.09 -16.06 20.21
N ASP F 40 -6.22 -15.97 20.92
CA ASP F 40 -7.21 -17.01 20.77
C ASP F 40 -8.09 -16.64 19.57
N ALA F 41 -9.10 -17.48 19.27
CA ALA F 41 -9.90 -17.24 18.08
C ALA F 41 -10.69 -15.94 18.16
N ARG F 42 -11.01 -15.49 19.38
CA ARG F 42 -11.89 -14.34 19.53
C ARG F 42 -11.13 -13.05 19.26
N LEU F 43 -10.04 -12.83 20.01
CA LEU F 43 -9.11 -11.75 19.69
C LEU F 43 -8.67 -11.80 18.23
N GLY F 44 -8.43 -12.99 17.70
CA GLY F 44 -8.07 -13.10 16.29
C GLY F 44 -9.16 -12.61 15.37
N ALA F 45 -10.42 -12.86 15.73
CA ALA F 45 -11.50 -12.36 14.89
C ALA F 45 -11.71 -10.86 15.11
N LEU F 46 -11.40 -10.35 16.30
CA LEU F 46 -11.50 -8.92 16.55
C LEU F 46 -10.43 -8.14 15.81
N ILE F 47 -9.22 -8.69 15.76
CA ILE F 47 -8.16 -8.10 14.96
C ILE F 47 -8.54 -8.15 13.48
N ASP F 48 -9.00 -9.31 13.02
CA ASP F 48 -9.35 -9.49 11.61
C ASP F 48 -10.46 -8.54 11.17
N ARG F 49 -11.49 -8.34 12.00
CA ARG F 49 -12.52 -7.34 11.70
C ARG F 49 -11.94 -5.92 11.67
N ALA F 50 -11.10 -5.56 12.65
CA ALA F 50 -10.48 -4.22 12.60
C ALA F 50 -9.62 -4.04 11.35
N LEU F 51 -9.01 -5.13 10.86
CA LEU F 51 -8.15 -4.98 9.69
C LEU F 51 -9.01 -4.84 8.42
N ALA F 52 -10.10 -5.58 8.34
CA ALA F 52 -11.01 -5.37 7.21
C ALA F 52 -11.61 -3.97 7.24
N ASP F 53 -11.75 -3.36 8.42
CA ASP F 53 -12.26 -1.99 8.48
C ASP F 53 -11.23 -1.01 7.94
N MSE F 54 -9.95 -1.28 8.17
CA MSE F 54 -8.87 -0.44 7.65
C MSE F 54 -8.77 -0.58 6.13
O MSE F 54 -8.51 0.39 5.42
CB MSE F 54 -7.55 -0.82 8.30
CG MSE F 54 -7.46 -0.40 9.76
SE MSE F 54 -7.43 1.58 9.92
CE MSE F 54 -7.61 1.65 11.89
N ALA F 55 -9.03 -1.79 5.63
CA ALA F 55 -9.03 -2.04 4.19
C ALA F 55 -10.16 -1.29 3.49
N VAL F 56 -11.36 -1.28 4.09
CA VAL F 56 -12.46 -0.46 3.58
C VAL F 56 -12.06 1.01 3.55
N ALA F 57 -11.49 1.50 4.64
CA ALA F 57 -11.08 2.90 4.72
C ALA F 57 -9.98 3.21 3.74
N ARG F 58 -9.02 2.30 3.60
CA ARG F 58 -7.98 2.48 2.60
C ARG F 58 -8.58 2.58 1.20
N ALA F 59 -9.56 1.72 0.90
CA ALA F 59 -10.28 1.83 -0.36
C ALA F 59 -10.96 3.19 -0.51
N SER F 60 -11.61 3.67 0.55
CA SER F 60 -12.29 4.96 0.48
C SER F 60 -11.30 6.11 0.33
N LEU F 61 -10.17 6.04 1.03
CA LEU F 61 -9.15 7.08 0.88
C LEU F 61 -8.55 7.07 -0.51
N ASN F 62 -8.32 5.87 -1.08
CA ASN F 62 -7.79 5.81 -2.43
C ASN F 62 -8.73 6.45 -3.44
N ALA F 63 -10.05 6.35 -3.20
CA ALA F 63 -11.01 7.01 -4.09
C ALA F 63 -10.93 8.52 -3.96
N VAL F 64 -10.82 9.02 -2.72
CA VAL F 64 -10.64 10.46 -2.52
C VAL F 64 -9.39 10.95 -3.26
N LEU F 65 -8.27 10.27 -3.07
CA LEU F 65 -7.02 10.64 -3.74
C LEU F 65 -7.13 10.53 -5.25
N ARG F 66 -8.22 9.95 -5.76
CA ARG F 66 -8.57 9.84 -7.18
CA ARG F 66 -8.57 9.84 -7.18
C ARG F 66 -7.82 8.68 -7.83
N ASP F 67 -8.35 8.19 -8.94
CA ASP F 67 -7.92 6.98 -9.67
C ASP F 67 -6.43 6.59 -9.66
N GLY G 8 14.98 -17.49 8.83
CA GLY G 8 15.54 -16.66 9.88
C GLY G 8 15.89 -15.26 9.41
N ARG G 9 16.72 -15.19 8.37
CA ARG G 9 16.98 -13.92 7.73
C ARG G 9 15.69 -13.32 7.16
N LYS G 10 14.76 -14.17 6.70
CA LYS G 10 13.49 -13.69 6.17
C LYS G 10 12.74 -12.86 7.20
N ARG G 11 12.76 -13.26 8.48
CA ARG G 11 12.10 -12.48 9.51
C ARG G 11 12.80 -11.14 9.74
N LEU G 12 14.13 -11.13 9.65
CA LEU G 12 14.88 -9.88 9.78
C LEU G 12 14.55 -8.91 8.65
N GLY G 13 14.34 -9.42 7.43
CA GLY G 13 13.91 -8.56 6.35
C GLY G 13 12.54 -7.96 6.58
N ILE G 14 11.62 -8.73 7.17
CA ILE G 14 10.32 -8.19 7.51
C ILE G 14 10.47 -7.02 8.48
N TYR G 15 11.21 -7.24 9.58
CA TYR G 15 11.41 -6.19 10.57
C TYR G 15 12.12 -4.99 9.98
N LEU G 16 13.06 -5.21 9.07
CA LEU G 16 13.75 -4.07 8.49
C LEU G 16 12.84 -3.32 7.51
N ALA G 17 12.05 -4.05 6.71
CA ALA G 17 11.08 -3.38 5.84
C ALA G 17 10.08 -2.58 6.64
N HIS G 18 9.71 -3.07 7.83
CA HIS G 18 8.83 -2.32 8.71
C HIS G 18 9.52 -1.06 9.24
N PHE G 19 10.77 -1.21 9.68
CA PHE G 19 11.53 -0.09 10.16
C PHE G 19 11.70 0.96 9.07
N LEU G 20 12.04 0.50 7.85
CA LEU G 20 12.16 1.40 6.71
C LEU G 20 10.85 2.13 6.45
N ASP G 21 9.72 1.44 6.63
CA ASP G 21 8.42 2.09 6.48
C ASP G 21 8.21 3.17 7.53
N HIS G 22 8.66 2.92 8.77
CA HIS G 22 8.57 3.94 9.82
C HIS G 22 9.34 5.20 9.43
N VAL G 23 10.56 5.04 8.88
CA VAL G 23 11.41 6.19 8.54
C VAL G 23 10.75 7.02 7.46
N GLU G 24 10.43 6.38 6.33
CA GLU G 24 9.76 7.08 5.24
C GLU G 24 8.41 7.66 5.66
N GLY G 25 7.62 6.91 6.44
CA GLY G 25 6.38 7.46 6.95
C GLY G 25 6.61 8.68 7.83
N HIS G 26 7.63 8.62 8.70
CA HIS G 26 7.88 9.69 9.67
C HIS G 26 8.24 11.00 8.97
N MSE G 27 9.00 10.91 7.88
CA MSE G 27 9.39 12.09 7.14
C MSE G 27 8.19 12.77 6.57
O MSE G 27 8.16 13.96 6.51
CB MSE G 27 10.34 11.74 6.00
CG MSE G 27 11.58 11.07 6.49
SE MSE G 27 12.63 10.50 4.96
CE MSE G 27 12.80 12.26 4.08
N GLY G 28 7.21 11.97 6.15
CA GLY G 28 5.93 12.53 5.74
C GLY G 28 5.16 13.13 6.91
N GLU G 29 5.28 12.53 8.08
CA GLU G 29 4.67 13.11 9.27
C GLU G 29 5.20 14.51 9.53
N ILE G 30 6.53 14.66 9.50
CA ILE G 30 7.15 15.98 9.71
C ILE G 30 6.57 17.00 8.74
N GLY G 31 6.44 16.61 7.46
CA GLY G 31 6.00 17.58 6.46
C GLY G 31 4.62 18.14 6.76
N VAL G 32 3.73 17.28 7.22
CA VAL G 32 2.36 17.70 7.50
C VAL G 32 2.30 18.59 8.74
N GLN G 33 2.94 18.17 9.83
CA GLN G 33 2.89 18.96 11.05
C GLN G 33 3.63 20.29 10.94
N ARG G 34 4.42 20.50 9.88
CA ARG G 34 5.35 21.63 9.86
C ARG G 34 4.62 22.96 9.70
N ASP G 35 3.63 23.00 8.80
CA ASP G 35 2.84 24.22 8.63
C ASP G 35 2.21 24.66 9.94
N ALA G 36 1.65 23.71 10.69
CA ALA G 36 1.07 23.99 12.00
C ALA G 36 2.06 24.63 12.97
N LEU G 37 3.37 24.47 12.75
CA LEU G 37 4.32 25.04 13.70
C LEU G 37 4.48 26.54 13.43
N ALA G 38 4.83 27.26 14.48
CA ALA G 38 5.18 28.66 14.30
C ALA G 38 6.68 28.80 14.12
N GLU G 39 7.25 28.00 13.22
CA GLU G 39 8.68 27.72 13.27
C GLU G 39 9.49 28.99 13.07
N ASP G 40 10.35 29.28 14.05
CA ASP G 40 11.39 30.27 13.81
C ASP G 40 12.39 29.70 12.82
N ALA G 41 13.34 30.55 12.41
CA ALA G 41 14.42 30.10 11.53
C ALA G 41 15.24 28.98 12.19
N ARG G 42 15.42 29.05 13.51
CA ARG G 42 16.29 28.10 14.20
C ARG G 42 15.63 26.73 14.29
N LEU G 43 14.35 26.68 14.70
CA LEU G 43 13.65 25.41 14.69
C LEU G 43 13.52 24.87 13.26
N GLY G 44 13.26 25.76 12.31
CA GLY G 44 13.17 25.35 10.93
C GLY G 44 14.47 24.77 10.41
N ALA G 45 15.60 25.32 10.85
CA ALA G 45 16.89 24.77 10.42
C ALA G 45 17.09 23.37 11.02
N LEU G 46 16.64 23.18 12.26
CA LEU G 46 16.77 21.88 12.90
C LEU G 46 15.87 20.85 12.24
N ILE G 47 14.61 21.22 11.98
CA ILE G 47 13.70 20.34 11.25
C ILE G 47 14.33 19.92 9.93
N ASP G 48 14.83 20.89 9.15
CA ASP G 48 15.51 20.59 7.89
C ASP G 48 16.65 19.59 8.11
N ARG G 49 17.43 19.81 9.17
CA ARG G 49 18.56 18.93 9.47
C ARG G 49 18.10 17.51 9.75
N ALA G 50 17.06 17.37 10.57
CA ALA G 50 16.52 16.05 10.89
C ALA G 50 16.02 15.32 9.64
N LEU G 51 15.34 16.04 8.74
CA LEU G 51 14.84 15.40 7.52
C LEU G 51 15.97 14.91 6.62
N ALA G 52 17.04 15.70 6.47
CA ALA G 52 18.15 15.22 5.66
C ALA G 52 18.80 14.00 6.32
N ASP G 53 18.93 14.01 7.64
CA ASP G 53 19.50 12.84 8.31
C ASP G 53 18.61 11.60 8.15
N MSE G 54 17.30 11.79 8.20
N MSE G 54 17.28 11.76 8.21
CA MSE G 54 16.41 10.65 8.05
CA MSE G 54 16.46 10.55 8.04
C MSE G 54 16.48 10.09 6.63
C MSE G 54 16.53 10.08 6.61
O MSE G 54 16.44 8.89 6.43
O MSE G 54 16.50 8.86 6.37
CB MSE G 54 14.98 11.04 8.42
CB MSE G 54 14.99 10.74 8.43
CG MSE G 54 14.80 11.11 9.93
CG MSE G 54 14.46 12.13 8.47
SE MSE G 54 14.68 9.31 10.72
SE MSE G 54 12.99 12.30 9.73
CE MSE G 54 12.79 8.99 10.40
CE MSE G 54 13.62 10.92 10.98
N ALA G 55 16.60 11.00 5.66
CA ALA G 55 16.83 10.60 4.27
C ALA G 55 18.08 9.73 4.15
N VAL G 56 19.19 10.17 4.76
CA VAL G 56 20.42 9.37 4.75
C VAL G 56 20.15 8.01 5.41
N ALA G 57 19.42 8.03 6.52
CA ALA G 57 19.17 6.77 7.21
C ALA G 57 18.24 5.90 6.39
N ARG G 58 17.34 6.51 5.63
CA ARG G 58 16.48 5.73 4.76
C ARG G 58 17.28 5.02 3.70
N ALA G 59 18.24 5.73 3.08
CA ALA G 59 19.05 5.07 2.05
C ALA G 59 19.87 3.93 2.63
N SER G 60 20.37 4.09 3.85
CA SER G 60 21.23 3.08 4.45
C SER G 60 20.44 1.85 4.84
N LEU G 61 19.25 2.04 5.39
CA LEU G 61 18.34 0.93 5.64
C LEU G 61 17.89 0.26 4.35
N ASN G 62 17.70 1.05 3.28
CA ASN G 62 17.41 0.47 1.97
C ASN G 62 18.55 -0.42 1.49
N ALA G 63 19.80 0.00 1.71
CA ALA G 63 20.93 -0.84 1.33
C ALA G 63 20.96 -2.14 2.12
N VAL G 64 20.60 -2.11 3.42
CA VAL G 64 20.56 -3.35 4.19
C VAL G 64 19.54 -4.31 3.57
N LEU G 65 18.28 -3.88 3.59
CA LEU G 65 17.21 -4.59 2.90
C LEU G 65 17.62 -5.11 1.53
N ARG G 66 18.34 -4.30 0.75
CA ARG G 66 18.76 -4.75 -0.58
C ARG G 66 19.70 -5.94 -0.50
N ASP G 67 20.44 -6.08 0.59
CA ASP G 67 21.41 -7.16 0.71
C ASP G 67 20.83 -8.41 1.34
N LEU G 68 19.60 -8.32 1.85
CA LEU G 68 18.92 -9.36 2.63
C LEU G 68 19.63 -9.55 3.96
C GLY H 8 2.46 21.93 17.34
N ARG H 9 3.11 22.71 18.21
CA ARG H 9 4.39 22.32 18.75
C ARG H 9 4.20 21.26 19.83
N LYS H 10 3.13 21.40 20.61
CA LYS H 10 2.85 20.38 21.61
C LYS H 10 2.53 19.05 20.94
N ARG H 11 1.64 19.08 19.95
CA ARG H 11 1.30 17.85 19.25
C ARG H 11 2.55 17.21 18.66
N LEU H 12 3.38 18.00 17.98
CA LEU H 12 4.54 17.42 17.32
C LEU H 12 5.49 16.79 18.33
N GLY H 13 5.60 17.37 19.52
CA GLY H 13 6.49 16.85 20.54
C GLY H 13 6.00 15.56 21.18
N ILE H 14 4.68 15.41 21.31
CA ILE H 14 4.12 14.11 21.66
C ILE H 14 4.49 13.07 20.61
N TYR H 15 4.23 13.40 19.34
CA TYR H 15 4.52 12.45 18.27
C TYR H 15 5.98 12.02 18.29
N LEU H 16 6.90 12.99 18.25
CA LEU H 16 8.34 12.65 18.22
C LEU H 16 8.69 11.67 19.34
N ALA H 17 8.19 11.92 20.54
CA ALA H 17 8.53 11.09 21.69
C ALA H 17 8.03 9.66 21.50
N HIS H 18 6.73 9.52 21.17
CA HIS H 18 6.18 8.21 20.82
C HIS H 18 6.97 7.56 19.69
N PHE H 19 7.34 8.34 18.68
CA PHE H 19 8.05 7.75 17.55
C PHE H 19 9.38 7.16 17.99
N LEU H 20 10.19 7.95 18.73
CA LEU H 20 11.50 7.48 19.16
C LEU H 20 11.39 6.26 20.06
N ASP H 21 10.45 6.27 21.01
CA ASP H 21 10.26 5.10 21.86
C ASP H 21 9.84 3.90 21.04
N HIS H 22 9.02 4.11 20.01
CA HIS H 22 8.55 3.01 19.20
C HIS H 22 9.66 2.43 18.34
N VAL H 23 10.45 3.27 17.68
CA VAL H 23 11.53 2.69 16.87
C VAL H 23 12.67 2.21 17.76
N GLU H 24 12.82 2.77 18.97
CA GLU H 24 13.77 2.18 19.91
C GLU H 24 13.39 0.75 20.25
N GLY H 25 12.07 0.47 20.26
CA GLY H 25 11.65 -0.91 20.48
C GLY H 25 11.99 -1.82 19.32
N HIS H 26 11.98 -1.30 18.09
CA HIS H 26 12.24 -2.15 16.94
C HIS H 26 13.71 -2.52 16.83
N MSE H 27 14.59 -1.58 17.17
CA MSE H 27 16.03 -1.84 17.18
C MSE H 27 16.37 -2.94 18.15
O MSE H 27 17.14 -3.84 17.83
CB MSE H 27 16.79 -0.58 17.52
CG MSE H 27 16.30 0.59 16.70
SE MSE H 27 17.34 2.19 16.99
CE MSE H 27 18.30 2.16 15.29
N GLY H 28 15.78 -2.85 19.35
CA GLY H 28 15.93 -3.93 20.32
C GLY H 28 15.63 -5.30 19.73
N GLU H 29 14.51 -5.40 19.02
CA GLU H 29 14.13 -6.69 18.45
C GLU H 29 14.99 -7.02 17.24
N ILE H 30 15.38 -6.01 16.46
CA ILE H 30 16.21 -6.26 15.30
C ILE H 30 17.57 -6.84 15.71
N GLY H 31 18.27 -6.17 16.64
CA GLY H 31 19.58 -6.65 17.05
C GLY H 31 19.56 -8.06 17.63
N VAL H 32 18.46 -8.42 18.29
CA VAL H 32 18.31 -9.80 18.76
C VAL H 32 18.31 -10.76 17.57
N GLN H 33 17.40 -10.53 16.61
CA GLN H 33 17.38 -11.36 15.41
C GLN H 33 18.73 -11.39 14.73
N ARG H 34 19.43 -10.26 14.75
CA ARG H 34 20.72 -10.17 14.06
C ARG H 34 21.75 -11.10 14.70
N ASP H 35 21.89 -11.05 16.02
CA ASP H 35 22.87 -11.90 16.69
C ASP H 35 22.57 -13.38 16.47
N ALA H 36 21.31 -13.74 16.30
CA ALA H 36 20.90 -15.15 16.19
C ALA H 36 21.20 -15.76 14.82
N LEU H 37 21.68 -14.97 13.85
CA LEU H 37 21.97 -15.49 12.53
C LEU H 37 23.14 -14.69 11.97
N ALA H 38 24.30 -15.34 11.85
CA ALA H 38 25.53 -14.60 11.59
C ALA H 38 26.26 -15.08 10.34
N GLU H 39 27.55 -14.77 10.26
CA GLU H 39 28.42 -15.16 9.14
C GLU H 39 28.01 -14.49 7.83
N ASP H 40 27.38 -13.33 7.92
CA ASP H 40 26.95 -12.59 6.74
C ASP H 40 27.95 -11.50 6.32
N ALA H 41 28.80 -11.04 7.23
CA ALA H 41 29.95 -10.20 6.90
C ALA H 41 29.57 -8.89 6.23
N ARG H 42 29.58 -8.87 4.89
CA ARG H 42 29.18 -7.67 4.14
C ARG H 42 27.82 -7.17 4.58
N LEU H 43 26.94 -8.09 5.00
CA LEU H 43 25.66 -7.68 5.56
C LEU H 43 25.85 -6.99 6.91
N GLY H 44 26.75 -7.52 7.75
CA GLY H 44 27.01 -6.88 9.02
C GLY H 44 27.40 -5.43 8.87
N ALA H 45 28.36 -5.16 7.98
CA ALA H 45 28.84 -3.80 7.78
C ALA H 45 27.72 -2.89 7.30
N LEU H 46 26.80 -3.42 6.49
CA LEU H 46 25.66 -2.62 6.05
C LEU H 46 24.74 -2.31 7.21
N ILE H 47 24.55 -3.30 8.10
CA ILE H 47 23.72 -3.07 9.28
C ILE H 47 24.37 -2.03 10.19
N ASP H 48 25.70 -2.03 10.28
CA ASP H 48 26.38 -1.07 11.13
C ASP H 48 26.15 0.35 10.61
N ARG H 49 26.32 0.56 9.31
CA ARG H 49 26.09 1.87 8.71
C ARG H 49 24.67 2.35 8.96
N ALA H 50 23.68 1.46 8.80
CA ALA H 50 22.28 1.88 8.92
C ALA H 50 21.94 2.25 10.35
N LEU H 51 22.50 1.53 11.33
CA LEU H 51 22.24 1.88 12.73
C LEU H 51 22.94 3.16 13.12
N ALA H 52 24.13 3.40 12.58
CA ALA H 52 24.84 4.63 12.89
C ALA H 52 24.10 5.83 12.30
N ASP H 53 23.58 5.69 11.07
CA ASP H 53 22.82 6.79 10.50
C ASP H 53 21.52 7.02 11.26
N MSE H 54 20.91 5.95 11.79
CA MSE H 54 19.67 6.12 12.53
C MSE H 54 19.96 6.83 13.83
O MSE H 54 19.12 7.59 14.34
CB MSE H 54 18.97 4.78 12.80
CG MSE H 54 17.52 4.91 13.30
SE MSE H 54 16.41 5.92 12.03
CE MSE H 54 16.84 4.89 10.50
N ALA H 55 21.14 6.58 14.37
CA ALA H 55 21.59 7.27 15.59
C ALA H 55 21.78 8.78 15.32
N VAL H 56 22.37 9.12 14.17
CA VAL H 56 22.52 10.53 13.80
C VAL H 56 21.16 11.19 13.66
N ALA H 57 20.22 10.52 12.99
CA ALA H 57 18.91 11.13 12.77
C ALA H 57 18.16 11.29 14.08
N ARG H 58 18.29 10.32 14.97
CA ARG H 58 17.58 10.43 16.24
C ARG H 58 18.18 11.52 17.12
N ALA H 59 19.47 11.82 16.96
CA ALA H 59 20.02 13.00 17.64
C ALA H 59 19.33 14.27 17.15
N SER H 60 19.19 14.42 15.82
CA SER H 60 18.50 15.59 15.26
C SER H 60 17.04 15.65 15.70
N LEU H 61 16.37 14.50 15.84
CA LEU H 61 14.98 14.54 16.27
C LEU H 61 14.88 14.91 17.74
N ASN H 62 15.82 14.40 18.55
CA ASN H 62 15.90 14.84 19.94
C ASN H 62 16.09 16.35 20.02
N ALA H 63 17.02 16.90 19.22
CA ALA H 63 17.19 18.34 19.14
C ALA H 63 15.89 19.06 18.79
N VAL H 64 15.18 18.59 17.75
CA VAL H 64 13.89 19.19 17.38
C VAL H 64 12.93 19.15 18.56
N LEU H 65 12.79 17.97 19.17
CA LEU H 65 11.91 17.77 20.31
C LEU H 65 12.20 18.77 21.41
N ARG H 66 13.48 18.94 21.75
CA ARG H 66 13.89 19.87 22.79
C ARG H 66 13.56 21.33 22.43
N ASP H 67 13.67 21.69 21.15
CA ASP H 67 13.42 23.06 20.69
C ASP H 67 11.93 23.35 20.45
N LEU H 68 11.07 22.38 20.80
CA LEU H 68 9.60 22.36 20.72
C LEU H 68 9.09 21.66 19.44
NI NI I . -0.09 -0.86 -15.24
C1 PEG J . 8.38 -23.87 -16.69
O1 PEG J . 7.54 -23.91 -15.56
C2 PEG J . 9.00 -25.25 -16.90
O2 PEG J . 10.12 -25.17 -17.73
C3 PEG J . 11.16 -24.37 -17.22
C4 PEG J . 11.71 -25.03 -15.96
O4 PEG J . 12.68 -24.26 -15.32
CL CL K . 12.41 -30.86 -8.74
CA CA L . -2.33 4.26 -5.59
CL CL M . 8.93 -29.66 -7.53
CL CL N . 6.01 -30.16 -6.22
NI NI O . -6.09 -11.04 -8.66
NI NI P . 0.37 11.62 11.38
C1 PGE Q . -19.79 16.22 6.42
O1 PGE Q . -20.86 16.84 5.72
C2 PGE Q . -18.92 17.27 7.09
O2 PGE Q . -17.56 16.88 7.21
C3 PGE Q . -16.87 17.27 8.40
C4 PGE Q . -16.81 16.10 9.36
O4 PGE Q . -17.78 11.69 8.04
C6 PGE Q . -17.22 12.93 7.54
C5 PGE Q . -17.70 14.14 8.31
O3 PGE Q . -16.55 14.91 8.66
C1 PEG R . 0.62 12.78 18.91
O1 PEG R . 1.19 11.61 18.39
C2 PEG R . 0.80 13.93 17.91
O2 PEG R . -0.36 14.09 17.15
C3 PEG R . -0.20 13.95 15.76
C4 PEG R . -1.55 14.24 15.09
O4 PEG R . -1.55 15.56 14.60
C1 PEG S . -6.71 -7.32 30.68
O1 PEG S . -6.52 -5.96 30.98
C2 PEG S . -6.51 -7.52 29.19
O2 PEG S . -7.70 -7.32 28.47
C3 PEG S . -8.13 -6.00 28.36
C4 PEG S . -9.38 -5.84 29.22
O4 PEG S . -9.71 -4.48 29.29
C1 PEG T . -10.00 14.62 -7.55
O1 PEG T . -11.36 14.55 -7.24
C2 PEG T . -9.19 14.30 -6.30
O2 PEG T . -7.91 14.82 -6.47
C3 PEG T . -7.13 14.83 -5.31
C4 PEG T . -7.61 15.95 -4.39
O4 PEG T . -6.85 15.93 -3.21
O01 Z3P U . 0.07 7.96 0.63
C02 Z3P U . -0.32 6.86 0.17
O03 Z3P U . -1.05 6.85 -0.86
C04 Z3P U . 0.10 5.55 0.82
C05 Z3P U . 1.44 5.33 0.15
P06 Z3P U . 2.83 4.98 1.30
O07 Z3P U . 3.42 3.96 0.43
C08 Z3P U . 4.25 6.15 1.50
C09 Z3P U . 4.87 6.49 0.14
C10 Z3P U . 4.04 7.63 -0.43
O11 Z3P U . 4.58 8.66 -0.90
O12 Z3P U . 2.77 7.54 -0.41
C13 Z3P U . 2.29 3.76 2.64
C14 Z3P U . 2.52 4.08 4.10
C15 Z3P U . 4.00 4.16 4.41
O16 Z3P U . 4.42 3.80 5.55
O17 Z3P U . 4.78 4.56 3.50
NI NI V . 6.39 -0.37 14.27
#